data_9CCY
#
_entry.id   9CCY
#
_cell.length_a   105.710
_cell.length_b   105.710
_cell.length_c   53.560
_cell.angle_alpha   90.000
_cell.angle_beta   90.000
_cell.angle_gamma   120.000
#
_symmetry.space_group_name_H-M   'P 32 2 1'
#
loop_
_entity.id
_entity.type
_entity.pdbx_description
1 polymer 'UDP-2,3-diacylglucosamine hydrolase'
2 non-polymer 1-(5-{4-[6-(trifluoromethyl)pyridin-2-yl]piperazine-1-sulfonyl}-2,3-dihydro-1H-indol-1-yl)ethan-1-one
3 non-polymer 'MANGANESE (II) ION'
4 water water
#
_entity_poly.entity_id   1
_entity_poly.type   'polypeptide(L)'
_entity_poly.pdbx_seq_one_letter_code
;MATLFIADLHLQTEEPAITAGFLRFLQGEARQADALYILGDLFEAWIGDDDPNPLHQQIASAIKAVVDAGVPCYFIHGNR
DFLVGQRFARQSGMILLAEEERLDLYGREVLIMHGDTLCTDDQGYLAFRAKVHTPWIQRLFLALPLFIRHRIAARMRADS
KAANSSKSMEIMDVNPQAVVDAMERHHVQWLIHGHTHRPAVHELQANGQPAWRVVLGAWHSEGSMVKVTPDDVELIHFPF
LEENLYFQSHHHHHHHHHH
;
_entity_poly.pdbx_strand_id   A
#
# COMPACT_ATOMS: atom_id res chain seq x y z
N ALA A 2 -0.93 -14.75 12.27
CA ALA A 2 -0.97 -13.30 12.08
C ALA A 2 -1.23 -12.93 10.62
N THR A 3 -1.91 -11.81 10.41
CA THR A 3 -2.12 -11.24 9.08
C THR A 3 -1.34 -9.93 8.99
N LEU A 4 -0.59 -9.76 7.89
CA LEU A 4 0.33 -8.65 7.76
C LEU A 4 -0.23 -7.62 6.79
N PHE A 5 0.03 -6.34 7.09
CA PHE A 5 -0.37 -5.22 6.23
C PHE A 5 0.83 -4.30 6.02
N ILE A 6 1.08 -3.93 4.76
CA ILE A 6 2.12 -2.97 4.42
C ILE A 6 1.57 -2.04 3.35
N ALA A 7 2.22 -0.89 3.19
CA ALA A 7 1.85 0.08 2.18
C ALA A 7 2.97 1.10 2.03
N ASP A 8 2.88 1.88 0.96
CA ASP A 8 3.73 3.06 0.77
C ASP A 8 5.22 2.70 0.81
N LEU A 9 5.56 1.64 0.08
CA LEU A 9 6.95 1.28 -0.15
C LEU A 9 7.59 2.16 -1.21
N HIS A 10 6.82 2.59 -2.21
CA HIS A 10 7.31 3.44 -3.30
C HIS A 10 8.58 2.86 -3.94
N LEU A 11 8.51 1.58 -4.26
CA LEU A 11 9.65 0.91 -4.89
C LEU A 11 10.04 1.59 -6.20
N GLN A 12 11.34 1.73 -6.41
CA GLN A 12 11.90 2.41 -7.58
C GLN A 12 13.35 2.00 -7.71
N THR A 13 13.82 1.87 -8.96
CA THR A 13 15.17 1.38 -9.18
C THR A 13 16.22 2.33 -8.61
N GLU A 14 15.85 3.60 -8.39
CA GLU A 14 16.76 4.55 -7.77
C GLU A 14 16.93 4.33 -6.27
N GLU A 15 16.11 3.49 -5.64
CA GLU A 15 16.18 3.23 -4.20
C GLU A 15 16.34 1.74 -3.95
N PRO A 16 17.50 1.17 -4.31
CA PRO A 16 17.65 -0.29 -4.18
C PRO A 16 17.65 -0.78 -2.74
N ALA A 17 17.95 0.08 -1.76
CA ALA A 17 17.92 -0.36 -0.37
C ALA A 17 16.50 -0.71 0.07
N ILE A 18 15.50 0.05 -0.41
CA ILE A 18 14.11 -0.29 -0.10
C ILE A 18 13.72 -1.60 -0.76
N THR A 19 14.13 -1.80 -2.01
CA THR A 19 13.88 -3.07 -2.68
C THR A 19 14.50 -4.23 -1.92
N ALA A 20 15.77 -4.08 -1.51
CA ALA A 20 16.42 -5.13 -0.73
C ALA A 20 15.68 -5.37 0.58
N GLY A 21 15.22 -4.30 1.23
CA GLY A 21 14.45 -4.47 2.45
C GLY A 21 13.16 -5.22 2.24
N PHE A 22 12.45 -4.91 1.15
CA PHE A 22 11.20 -5.61 0.88
C PHE A 22 11.47 -7.08 0.56
N LEU A 23 12.55 -7.35 -0.18
CA LEU A 23 12.91 -8.73 -0.52
C LEU A 23 13.22 -9.53 0.74
N ARG A 24 13.92 -8.92 1.69
CA ARG A 24 14.19 -9.61 2.95
C ARG A 24 12.90 -9.83 3.73
N PHE A 25 12.00 -8.84 3.73
CA PHE A 25 10.70 -8.99 4.38
C PHE A 25 9.93 -10.16 3.78
N LEU A 26 9.93 -10.27 2.46
CA LEU A 26 9.20 -11.34 1.79
C LEU A 26 9.81 -12.70 2.08
N GLN A 27 11.14 -12.78 2.18
CA GLN A 27 11.80 -14.05 2.43
C GLN A 27 11.69 -14.50 3.88
N GLY A 28 11.48 -13.58 4.81
CA GLY A 28 11.42 -13.94 6.21
C GLY A 28 10.05 -13.85 6.82
N GLU A 29 9.63 -12.64 7.16
CA GLU A 29 8.41 -12.43 7.92
C GLU A 29 7.18 -12.93 7.16
N ALA A 30 7.07 -12.55 5.89
CA ALA A 30 5.82 -12.81 5.15
C ALA A 30 5.56 -14.30 4.99
N ARG A 31 6.61 -15.13 4.97
CA ARG A 31 6.44 -16.56 4.79
C ARG A 31 5.70 -17.21 5.96
N GLN A 32 5.72 -16.58 7.13
CA GLN A 32 5.04 -17.13 8.30
C GLN A 32 3.63 -16.60 8.48
N ALA A 33 3.17 -15.72 7.61
CA ALA A 33 1.90 -15.04 7.81
C ALA A 33 0.73 -15.91 7.32
N ASP A 34 -0.44 -15.69 7.92
CA ASP A 34 -1.67 -16.23 7.36
C ASP A 34 -2.00 -15.58 6.02
N ALA A 35 -1.66 -14.30 5.86
CA ALA A 35 -1.96 -13.57 4.64
C ALA A 35 -1.18 -12.26 4.65
N LEU A 36 -0.94 -11.73 3.45
CA LEU A 36 -0.24 -10.46 3.28
C LEU A 36 -1.09 -9.54 2.43
N TYR A 37 -1.39 -8.35 2.98
CA TYR A 37 -2.14 -7.33 2.27
C TYR A 37 -1.24 -6.14 2.00
N ILE A 38 -1.20 -5.70 0.75
CA ILE A 38 -0.44 -4.52 0.35
C ILE A 38 -1.44 -3.44 0.00
N LEU A 39 -1.55 -2.44 0.87
CA LEU A 39 -2.59 -1.42 0.72
C LEU A 39 -2.11 -0.22 -0.10
N GLY A 40 -1.51 -0.47 -1.26
CA GLY A 40 -1.30 0.61 -2.20
C GLY A 40 0.07 1.24 -2.09
N ASP A 41 0.47 1.89 -3.19
CA ASP A 41 1.78 2.53 -3.33
C ASP A 41 2.92 1.54 -3.07
N LEU A 42 2.75 0.32 -3.59
CA LEU A 42 3.87 -0.60 -3.65
C LEU A 42 4.97 -0.04 -4.52
N PHE A 43 4.60 0.56 -5.66
CA PHE A 43 5.53 1.16 -6.60
C PHE A 43 5.37 2.67 -6.61
N GLU A 44 6.48 3.37 -6.84
CA GLU A 44 6.46 4.82 -6.95
C GLU A 44 5.73 5.30 -8.19
N ALA A 45 5.63 4.45 -9.21
CA ALA A 45 4.94 4.82 -10.44
C ALA A 45 4.54 3.55 -11.15
N TRP A 46 3.49 3.65 -11.98
CA TRP A 46 3.07 2.53 -12.82
C TRP A 46 2.37 3.09 -14.04
N ILE A 47 2.81 2.67 -15.22
CA ILE A 47 2.25 3.13 -16.49
C ILE A 47 1.64 1.98 -17.28
N GLY A 48 1.58 0.79 -16.71
CA GLY A 48 0.95 -0.36 -17.34
C GLY A 48 1.73 -1.63 -17.12
N ASP A 49 1.03 -2.77 -17.18
CA ASP A 49 1.65 -4.07 -16.92
C ASP A 49 2.58 -4.52 -18.03
N ASP A 50 2.55 -3.89 -19.20
CA ASP A 50 3.48 -4.25 -20.27
C ASP A 50 4.82 -3.54 -20.16
N ASP A 51 5.01 -2.73 -19.12
CA ASP A 51 6.27 -2.06 -18.85
C ASP A 51 7.36 -3.11 -18.60
N PRO A 52 8.45 -3.12 -19.38
CA PRO A 52 9.49 -4.13 -19.20
C PRO A 52 10.47 -3.85 -18.08
N ASN A 53 10.25 -2.80 -17.27
CA ASN A 53 11.09 -2.46 -16.12
C ASN A 53 11.43 -3.73 -15.34
N PRO A 54 12.70 -4.12 -15.29
CA PRO A 54 13.06 -5.38 -14.62
C PRO A 54 12.70 -5.42 -13.14
N LEU A 55 12.66 -4.28 -12.46
CA LEU A 55 12.22 -4.26 -11.07
C LEU A 55 10.83 -4.89 -10.93
N HIS A 56 9.96 -4.64 -11.91
CA HIS A 56 8.61 -5.21 -11.83
C HIS A 56 8.65 -6.73 -11.83
N GLN A 57 9.50 -7.33 -12.66
CA GLN A 57 9.57 -8.80 -12.71
C GLN A 57 10.24 -9.35 -11.46
N GLN A 58 11.26 -8.67 -10.95
CA GLN A 58 11.92 -9.10 -9.72
C GLN A 58 10.93 -9.08 -8.56
N ILE A 59 10.12 -8.03 -8.45
CA ILE A 59 9.15 -7.96 -7.37
C ILE A 59 8.05 -9.01 -7.57
N ALA A 60 7.57 -9.18 -8.80
CA ALA A 60 6.54 -10.19 -9.05
C ALA A 60 7.02 -11.59 -8.69
N SER A 61 8.27 -11.92 -9.06
CA SER A 61 8.80 -13.24 -8.71
C SER A 61 8.95 -13.41 -7.22
N ALA A 62 9.31 -12.34 -6.50
CA ALA A 62 9.50 -12.45 -5.07
C ALA A 62 8.17 -12.64 -4.35
N ILE A 63 7.15 -11.88 -4.77
CA ILE A 63 5.81 -12.08 -4.22
C ILE A 63 5.28 -13.45 -4.57
N LYS A 64 5.49 -13.88 -5.81
CA LYS A 64 5.00 -15.20 -6.23
C LYS A 64 5.60 -16.31 -5.39
N ALA A 65 6.85 -16.16 -4.94
CA ALA A 65 7.46 -17.16 -4.07
C ALA A 65 6.75 -17.24 -2.73
N VAL A 66 6.25 -16.10 -2.23
CA VAL A 66 5.48 -16.12 -0.99
C VAL A 66 4.14 -16.80 -1.22
N VAL A 67 3.49 -16.49 -2.35
CA VAL A 67 2.21 -17.10 -2.68
C VAL A 67 2.35 -18.61 -2.82
N ASP A 68 3.41 -19.06 -3.50
CA ASP A 68 3.65 -20.49 -3.67
C ASP A 68 3.97 -21.18 -2.37
N ALA A 69 4.44 -20.45 -1.36
CA ALA A 69 4.68 -21.00 -0.04
C ALA A 69 3.39 -21.12 0.77
N GLY A 70 2.24 -20.81 0.18
CA GLY A 70 0.97 -20.96 0.86
C GLY A 70 0.41 -19.73 1.53
N VAL A 71 1.00 -18.55 1.31
CA VAL A 71 0.54 -17.31 1.92
C VAL A 71 -0.19 -16.49 0.85
N PRO A 72 -1.51 -16.38 0.92
CA PRO A 72 -2.22 -15.56 -0.07
C PRO A 72 -1.86 -14.08 0.09
N CYS A 73 -1.66 -13.42 -1.05
CA CYS A 73 -1.23 -12.04 -1.09
C CYS A 73 -2.28 -11.20 -1.82
N TYR A 74 -2.59 -10.03 -1.26
CA TYR A 74 -3.67 -9.18 -1.77
C TYR A 74 -3.17 -7.76 -1.99
N PHE A 75 -3.80 -7.06 -2.94
CA PHE A 75 -3.37 -5.74 -3.33
C PHE A 75 -4.56 -4.80 -3.48
N ILE A 76 -4.49 -3.65 -2.80
CA ILE A 76 -5.38 -2.52 -3.05
C ILE A 76 -4.52 -1.41 -3.64
N HIS A 77 -5.02 -0.79 -4.71
CA HIS A 77 -4.24 0.23 -5.42
C HIS A 77 -4.03 1.48 -4.57
N GLY A 78 -2.88 2.13 -4.78
CA GLY A 78 -2.60 3.42 -4.19
C GLY A 78 -2.74 4.53 -5.22
N ASN A 79 -2.44 5.76 -4.78
CA ASN A 79 -2.51 6.89 -5.70
C ASN A 79 -1.41 6.83 -6.77
N ARG A 80 -0.30 6.15 -6.49
CA ARG A 80 0.81 6.08 -7.44
C ARG A 80 0.64 4.94 -8.43
N ASP A 81 0.16 3.77 -7.98
CA ASP A 81 0.18 2.56 -8.79
C ASP A 81 -1.23 2.05 -9.08
N PHE A 82 -2.16 2.96 -9.35
CA PHE A 82 -3.52 2.58 -9.68
C PHE A 82 -3.64 1.87 -11.03
N LEU A 83 -2.59 1.87 -11.86
CA LEU A 83 -2.67 1.14 -13.11
C LEU A 83 -2.23 -0.32 -13.01
N VAL A 84 -1.85 -0.80 -11.82
CA VAL A 84 -1.49 -2.20 -11.66
C VAL A 84 -2.68 -3.07 -12.07
N GLY A 85 -2.46 -4.00 -13.00
CA GLY A 85 -3.56 -4.74 -13.56
C GLY A 85 -3.48 -6.25 -13.40
N GLN A 86 -4.35 -6.97 -14.11
CA GLN A 86 -4.48 -8.40 -13.93
C GLN A 86 -3.29 -9.18 -14.50
N ARG A 87 -2.59 -8.63 -15.49
CA ARG A 87 -1.36 -9.27 -15.95
C ARG A 87 -0.33 -9.32 -14.82
N PHE A 88 -0.09 -8.19 -14.15
CA PHE A 88 0.83 -8.21 -13.03
C PHE A 88 0.29 -9.06 -11.88
N ALA A 89 -1.03 -9.05 -11.68
CA ALA A 89 -1.61 -9.91 -10.65
C ALA A 89 -1.29 -11.37 -10.91
N ARG A 90 -1.41 -11.80 -12.17
CA ARG A 90 -1.12 -13.19 -12.51
C ARG A 90 0.38 -13.49 -12.37
N GLN A 91 1.24 -12.56 -12.80
CA GLN A 91 2.68 -12.78 -12.67
C GLN A 91 3.10 -12.92 -11.21
N SER A 92 2.50 -12.13 -10.32
CA SER A 92 2.88 -12.11 -8.92
C SER A 92 2.10 -13.08 -8.06
N GLY A 93 1.04 -13.68 -8.59
CA GLY A 93 0.13 -14.46 -7.77
C GLY A 93 -0.74 -13.64 -6.83
N MET A 94 -0.74 -12.32 -6.97
CA MET A 94 -1.53 -11.48 -6.08
C MET A 94 -2.98 -11.41 -6.55
N ILE A 95 -3.88 -11.18 -5.60
CA ILE A 95 -5.29 -10.94 -5.89
C ILE A 95 -5.55 -9.44 -5.74
N LEU A 96 -6.15 -8.85 -6.76
CA LEU A 96 -6.50 -7.42 -6.73
C LEU A 96 -7.85 -7.23 -6.03
N LEU A 97 -7.87 -6.35 -5.04
CA LEU A 97 -9.07 -6.06 -4.27
C LEU A 97 -9.63 -4.69 -4.63
N ALA A 98 -10.85 -4.42 -4.16
CA ALA A 98 -11.50 -3.14 -4.42
C ALA A 98 -10.89 -2.05 -3.53
N GLU A 99 -11.26 -0.79 -3.81
CA GLU A 99 -10.63 0.30 -3.06
C GLU A 99 -11.03 0.30 -1.59
N GLU A 100 -12.15 -0.34 -1.25
CA GLU A 100 -12.55 -0.56 0.14
C GLU A 100 -12.91 -2.04 0.30
N GLU A 101 -12.37 -2.68 1.32
CA GLU A 101 -12.72 -4.06 1.62
C GLU A 101 -12.92 -4.22 3.12
N ARG A 102 -13.91 -5.04 3.49
CA ARG A 102 -14.16 -5.41 4.87
C ARG A 102 -13.70 -6.84 5.09
N LEU A 103 -12.79 -7.04 6.04
CA LEU A 103 -12.24 -8.35 6.35
C LEU A 103 -12.67 -8.82 7.72
N ASP A 104 -12.74 -10.14 7.88
CA ASP A 104 -12.83 -10.76 9.20
C ASP A 104 -11.43 -11.22 9.57
N LEU A 105 -10.83 -10.57 10.56
CA LEU A 105 -9.49 -10.92 11.03
C LEU A 105 -9.65 -11.48 12.43
N TYR A 106 -9.70 -12.82 12.52
CA TYR A 106 -9.78 -13.53 13.80
C TYR A 106 -10.94 -13.01 14.66
N GLY A 107 -12.06 -12.71 14.01
CA GLY A 107 -13.30 -12.37 14.69
C GLY A 107 -13.68 -10.92 14.64
N ARG A 108 -12.70 -10.02 14.46
N ARG A 108 -12.71 -10.01 14.45
CA ARG A 108 -12.98 -8.59 14.40
CA ARG A 108 -12.98 -8.59 14.40
C ARG A 108 -13.07 -8.14 12.95
C ARG A 108 -13.06 -8.13 12.94
N GLU A 109 -14.07 -7.31 12.65
CA GLU A 109 -14.32 -6.84 11.30
C GLU A 109 -13.51 -5.57 11.07
N VAL A 110 -12.69 -5.56 10.02
CA VAL A 110 -11.74 -4.49 9.76
C VAL A 110 -11.94 -3.98 8.34
N LEU A 111 -12.11 -2.67 8.20
CA LEU A 111 -12.10 -2.02 6.90
C LEU A 111 -10.66 -1.72 6.51
N ILE A 112 -10.28 -2.05 5.27
CA ILE A 112 -8.96 -1.73 4.74
C ILE A 112 -9.13 -0.90 3.46
N MET A 113 -8.23 0.04 3.27
CA MET A 113 -8.19 0.87 2.06
C MET A 113 -6.83 1.54 2.02
N HIS A 114 -6.51 2.14 0.87
CA HIS A 114 -5.23 2.83 0.76
C HIS A 114 -5.21 4.09 1.64
N GLY A 115 -6.29 4.85 1.64
CA GLY A 115 -6.42 6.02 2.50
C GLY A 115 -6.52 7.34 1.77
N ASP A 116 -6.14 7.40 0.49
CA ASP A 116 -6.17 8.69 -0.20
C ASP A 116 -7.60 9.21 -0.34
N THR A 117 -8.58 8.32 -0.48
CA THR A 117 -9.97 8.76 -0.60
C THR A 117 -10.52 9.37 0.69
N LEU A 118 -9.79 9.27 1.81
CA LEU A 118 -10.18 9.91 3.05
C LEU A 118 -9.72 11.35 3.16
N CYS A 119 -8.83 11.80 2.27
CA CYS A 119 -8.24 13.13 2.37
C CYS A 119 -9.05 14.13 1.55
N THR A 120 -10.33 14.25 1.91
CA THR A 120 -11.28 15.05 1.15
C THR A 120 -11.05 16.56 1.26
N ASP A 121 -10.07 17.01 2.06
CA ASP A 121 -9.72 18.41 2.12
C ASP A 121 -8.74 18.83 1.02
N ASP A 122 -8.12 17.87 0.32
CA ASP A 122 -7.27 18.17 -0.82
C ASP A 122 -8.11 18.01 -2.09
N GLN A 123 -8.92 19.03 -2.36
CA GLN A 123 -9.76 18.99 -3.54
C GLN A 123 -8.95 19.05 -4.83
N GLY A 124 -7.72 19.57 -4.77
CA GLY A 124 -6.85 19.50 -5.93
C GLY A 124 -6.42 18.08 -6.26
N TYR A 125 -6.10 17.29 -5.23
CA TYR A 125 -5.78 15.89 -5.49
C TYR A 125 -7.01 15.12 -5.93
N LEU A 126 -8.16 15.39 -5.31
CA LEU A 126 -9.37 14.65 -5.65
C LEU A 126 -9.78 14.87 -7.10
N ALA A 127 -9.59 16.08 -7.62
CA ALA A 127 -9.81 16.31 -9.04
C ALA A 127 -8.86 15.49 -9.89
N PHE A 128 -7.58 15.48 -9.53
CA PHE A 128 -6.61 14.64 -10.24
C PHE A 128 -7.01 13.18 -10.16
N ARG A 129 -7.35 12.71 -8.96
CA ARG A 129 -7.75 11.31 -8.80
C ARG A 129 -8.95 10.97 -9.67
N ALA A 130 -9.97 11.84 -9.68
CA ALA A 130 -11.16 11.58 -10.48
C ALA A 130 -10.80 11.42 -11.96
N LYS A 131 -9.86 12.23 -12.45
CA LYS A 131 -9.47 12.16 -13.86
C LYS A 131 -8.80 10.84 -14.17
N VAL A 132 -7.71 10.51 -13.45
CA VAL A 132 -6.92 9.33 -13.79
C VAL A 132 -7.57 8.03 -13.37
N HIS A 133 -8.69 8.09 -12.66
CA HIS A 133 -9.46 6.89 -12.33
C HIS A 133 -10.68 6.74 -13.23
N THR A 134 -10.89 7.65 -14.17
CA THR A 134 -11.95 7.51 -15.14
C THR A 134 -11.59 6.38 -16.10
N PRO A 135 -12.43 5.36 -16.28
CA PRO A 135 -12.00 4.19 -17.07
C PRO A 135 -11.63 4.51 -18.51
N TRP A 136 -12.38 5.38 -19.19
CA TRP A 136 -12.04 5.64 -20.58
C TRP A 136 -10.75 6.44 -20.70
N ILE A 137 -10.41 7.22 -19.68
CA ILE A 137 -9.13 7.93 -19.69
C ILE A 137 -7.99 6.95 -19.47
N GLN A 138 -8.18 5.97 -18.58
CA GLN A 138 -7.16 4.93 -18.37
C GLN A 138 -6.96 4.11 -19.62
N ARG A 139 -8.05 3.70 -20.28
CA ARG A 139 -7.93 2.89 -21.49
C ARG A 139 -7.19 3.65 -22.59
N LEU A 140 -7.44 4.95 -22.70
CA LEU A 140 -6.72 5.77 -23.67
C LEU A 140 -5.24 5.85 -23.33
N PHE A 141 -4.91 6.08 -22.05
CA PHE A 141 -3.51 6.18 -21.66
C PHE A 141 -2.78 4.87 -21.91
N LEU A 142 -3.40 3.74 -21.56
CA LEU A 142 -2.75 2.45 -21.69
C LEU A 142 -2.52 2.07 -23.15
N ALA A 143 -3.31 2.61 -24.07
CA ALA A 143 -3.13 2.32 -25.48
C ALA A 143 -1.97 3.10 -26.09
N LEU A 144 -1.46 4.12 -25.41
CA LEU A 144 -0.35 4.88 -25.95
C LEU A 144 0.92 4.02 -25.96
N PRO A 145 1.85 4.29 -26.88
CA PRO A 145 3.10 3.53 -26.87
C PRO A 145 3.84 3.70 -25.55
N LEU A 146 4.54 2.63 -25.15
CA LEU A 146 5.26 2.64 -23.88
C LEU A 146 6.15 3.88 -23.74
N PHE A 147 6.91 4.21 -24.79
CA PHE A 147 7.83 5.35 -24.67
C PHE A 147 7.08 6.66 -24.52
N ILE A 148 5.85 6.75 -25.04
CA ILE A 148 5.02 7.93 -24.81
C ILE A 148 4.59 7.98 -23.35
N ARG A 149 4.11 6.85 -22.81
CA ARG A 149 3.67 6.80 -21.42
C ARG A 149 4.81 7.14 -20.47
N HIS A 150 6.02 6.64 -20.75
CA HIS A 150 7.19 7.00 -19.93
C HIS A 150 7.38 8.50 -19.86
N ARG A 151 7.38 9.16 -21.02
CA ARG A 151 7.61 10.61 -21.04
C ARG A 151 6.47 11.37 -20.36
N ILE A 152 5.22 10.93 -20.57
CA ILE A 152 4.10 11.56 -19.89
C ILE A 152 4.26 11.46 -18.39
N ALA A 153 4.57 10.25 -17.89
CA ALA A 153 4.68 10.03 -16.47
C ALA A 153 5.86 10.79 -15.88
N ALA A 154 7.00 10.81 -16.57
CA ALA A 154 8.16 11.53 -16.07
C ALA A 154 7.88 13.03 -15.99
N ARG A 155 7.17 13.57 -16.97
CA ARG A 155 6.83 15.00 -16.93
C ARG A 155 5.82 15.29 -15.83
N MET A 156 4.85 14.40 -15.64
CA MET A 156 3.84 14.62 -14.60
C MET A 156 4.44 14.56 -13.21
N ARG A 157 5.42 13.68 -13.00
CA ARG A 157 6.11 13.62 -11.71
C ARG A 157 6.88 14.91 -11.45
N ALA A 158 7.61 15.40 -12.45
CA ALA A 158 8.33 16.66 -12.30
C ALA A 158 7.37 17.82 -12.12
N ASP A 159 6.24 17.80 -12.83
CA ASP A 159 5.24 18.85 -12.68
C ASP A 159 4.67 18.85 -11.26
N SER A 160 4.49 17.66 -10.67
N SER A 160 4.49 17.66 -10.67
CA SER A 160 3.97 17.57 -9.31
CA SER A 160 3.98 17.58 -9.31
C SER A 160 5.02 17.97 -8.28
C SER A 160 5.02 17.93 -8.27
N LYS A 161 6.31 17.78 -8.61
CA LYS A 161 7.36 18.16 -7.66
C LYS A 161 7.42 19.68 -7.50
N ALA A 162 7.19 20.42 -8.58
CA ALA A 162 7.20 21.88 -8.53
C ALA A 162 6.02 22.42 -7.73
N GLU A 170 4.47 17.07 1.13
CA GLU A 170 3.44 17.56 2.04
C GLU A 170 2.11 16.87 1.77
N ILE A 171 1.99 15.63 2.25
CA ILE A 171 0.76 14.85 2.04
C ILE A 171 -0.31 15.35 3.00
N MET A 172 -1.47 15.70 2.44
CA MET A 172 -2.62 16.07 3.25
C MET A 172 -3.08 14.88 4.08
N ASP A 173 -3.47 15.15 5.33
CA ASP A 173 -3.97 14.13 6.22
C ASP A 173 -5.45 13.85 5.95
N VAL A 174 -5.98 12.82 6.61
CA VAL A 174 -7.38 12.41 6.39
C VAL A 174 -8.33 13.44 7.00
N ASN A 175 -9.56 13.45 6.47
CA ASN A 175 -10.64 14.24 7.04
C ASN A 175 -11.36 13.42 8.09
N PRO A 176 -11.50 13.93 9.32
CA PRO A 176 -12.10 13.11 10.39
C PRO A 176 -13.51 12.63 10.07
N GLN A 177 -14.32 13.48 9.43
CA GLN A 177 -15.68 13.06 9.09
C GLN A 177 -15.68 11.98 8.01
N ALA A 178 -14.75 12.06 7.05
CA ALA A 178 -14.66 11.02 6.03
C ALA A 178 -14.32 9.66 6.65
N VAL A 179 -13.47 9.66 7.68
CA VAL A 179 -13.15 8.43 8.40
C VAL A 179 -14.41 7.84 9.02
N VAL A 180 -15.16 8.66 9.76
CA VAL A 180 -16.38 8.16 10.41
C VAL A 180 -17.36 7.62 9.38
N ASP A 181 -17.56 8.37 8.29
CA ASP A 181 -18.50 7.94 7.25
C ASP A 181 -18.12 6.57 6.71
N ALA A 182 -16.82 6.34 6.46
CA ALA A 182 -16.39 5.05 5.94
C ALA A 182 -16.59 3.94 6.96
N MET A 183 -16.25 4.20 8.23
CA MET A 183 -16.41 3.17 9.26
C MET A 183 -17.86 2.88 9.57
N GLU A 184 -18.76 3.84 9.32
CA GLU A 184 -20.17 3.58 9.53
C GLU A 184 -20.85 3.00 8.30
N ARG A 185 -20.38 3.36 7.10
CA ARG A 185 -20.89 2.70 5.89
C ARG A 185 -20.64 1.19 5.96
N HIS A 186 -19.47 0.79 6.45
CA HIS A 186 -19.10 -0.62 6.55
C HIS A 186 -19.41 -1.23 7.92
N HIS A 187 -19.87 -0.42 8.88
CA HIS A 187 -20.23 -0.88 10.22
C HIS A 187 -19.07 -1.62 10.89
N VAL A 188 -17.90 -0.99 10.88
CA VAL A 188 -16.72 -1.57 11.51
C VAL A 188 -16.23 -0.64 12.61
N GLN A 189 -15.50 -1.23 13.55
CA GLN A 189 -14.84 -0.49 14.62
C GLN A 189 -13.32 -0.43 14.42
N TRP A 190 -12.82 -0.96 13.30
CA TRP A 190 -11.38 -0.98 13.01
C TRP A 190 -11.16 -0.60 11.56
N LEU A 191 -10.12 0.19 11.33
CA LEU A 191 -9.77 0.65 9.99
C LEU A 191 -8.25 0.67 9.88
N ILE A 192 -7.73 0.06 8.82
CA ILE A 192 -6.30 0.07 8.53
C ILE A 192 -6.12 0.73 7.17
N HIS A 193 -5.19 1.68 7.08
CA HIS A 193 -4.93 2.36 5.83
C HIS A 193 -3.51 2.89 5.85
N GLY A 194 -3.06 3.35 4.69
CA GLY A 194 -1.78 4.00 4.57
C GLY A 194 -1.94 5.38 4.00
N HIS A 195 -1.14 5.67 2.98
CA HIS A 195 -1.15 6.91 2.19
C HIS A 195 -0.57 8.12 2.93
N THR A 196 -0.98 8.36 4.17
CA THR A 196 -0.66 9.63 4.82
C THR A 196 0.75 9.67 5.42
N HIS A 197 1.49 8.55 5.43
CA HIS A 197 2.86 8.50 5.96
C HIS A 197 2.94 8.93 7.42
N ARG A 198 1.88 8.68 8.20
CA ARG A 198 1.81 9.09 9.60
C ARG A 198 1.48 7.88 10.46
N PRO A 199 2.43 6.95 10.63
CA PRO A 199 2.11 5.72 11.36
C PRO A 199 1.66 6.04 12.79
N ALA A 200 0.50 5.49 13.16
CA ALA A 200 -0.17 5.90 14.39
C ALA A 200 -1.36 4.98 14.63
N VAL A 201 -1.88 5.06 15.86
CA VAL A 201 -3.14 4.44 16.25
C VAL A 201 -4.03 5.55 16.80
N HIS A 202 -5.21 5.72 16.21
CA HIS A 202 -6.17 6.72 16.63
C HIS A 202 -7.42 6.06 17.17
N GLU A 203 -7.94 6.60 18.27
CA GLU A 203 -9.23 6.19 18.79
C GLU A 203 -10.28 7.23 18.42
N LEU A 204 -11.46 6.74 18.02
CA LEU A 204 -12.58 7.60 17.65
C LEU A 204 -13.86 6.87 18.07
N GLN A 205 -15.00 7.40 17.66
CA GLN A 205 -16.28 6.73 17.87
C GLN A 205 -16.96 6.57 16.53
N ALA A 206 -17.44 5.36 16.26
CA ALA A 206 -18.18 5.03 15.05
C ALA A 206 -19.25 4.02 15.42
N ASN A 207 -20.44 4.20 14.85
CA ASN A 207 -21.57 3.32 15.15
C ASN A 207 -21.89 3.29 16.63
N GLY A 208 -21.67 4.41 17.32
CA GLY A 208 -21.98 4.51 18.73
C GLY A 208 -21.07 3.75 19.66
N GLN A 209 -19.89 3.35 19.20
CA GLN A 209 -18.95 2.58 20.01
C GLN A 209 -17.54 3.06 19.72
N PRO A 210 -16.61 2.83 20.64
CA PRO A 210 -15.20 3.15 20.36
C PRO A 210 -14.73 2.43 19.11
N ALA A 211 -13.90 3.12 18.33
CA ALA A 211 -13.34 2.57 17.11
C ALA A 211 -11.90 3.03 16.99
N TRP A 212 -11.14 2.33 16.14
CA TRP A 212 -9.72 2.61 15.98
C TRP A 212 -9.32 2.67 14.52
N ARG A 213 -8.46 3.64 14.21
CA ARG A 213 -7.88 3.83 12.88
C ARG A 213 -6.38 3.63 12.99
N VAL A 214 -5.86 2.62 12.30
CA VAL A 214 -4.45 2.26 12.37
C VAL A 214 -3.80 2.65 11.04
N VAL A 215 -2.70 3.39 11.11
CA VAL A 215 -2.08 3.99 9.93
C VAL A 215 -0.69 3.39 9.75
N LEU A 216 -0.39 2.95 8.53
CA LEU A 216 0.90 2.39 8.17
C LEU A 216 1.92 3.50 7.91
N GLY A 217 3.19 3.14 8.03
CA GLY A 217 4.28 4.04 7.69
C GLY A 217 4.80 3.79 6.30
N ALA A 218 5.38 4.82 5.71
CA ALA A 218 6.09 4.67 4.45
C ALA A 218 7.48 4.09 4.72
N TRP A 219 8.02 3.41 3.71
CA TRP A 219 9.33 2.78 3.83
C TRP A 219 10.39 3.80 3.42
N HIS A 220 10.66 4.73 4.34
CA HIS A 220 11.61 5.82 4.04
C HIS A 220 13.02 5.44 4.49
N SER A 221 13.24 5.33 5.79
CA SER A 221 14.52 4.89 6.32
C SER A 221 14.47 3.52 6.99
N GLU A 222 13.27 3.07 7.37
CA GLU A 222 13.06 1.74 7.91
C GLU A 222 11.73 1.23 7.37
N GLY A 223 11.51 -0.07 7.51
CA GLY A 223 10.24 -0.65 7.12
C GLY A 223 9.18 -0.51 8.18
N SER A 224 7.93 -0.73 7.75
CA SER A 224 6.76 -0.59 8.60
C SER A 224 5.72 -1.61 8.20
N MET A 225 5.09 -2.24 9.18
CA MET A 225 3.98 -3.15 8.91
C MET A 225 2.99 -3.09 10.06
N VAL A 226 1.75 -3.49 9.78
CA VAL A 226 0.76 -3.77 10.83
C VAL A 226 0.56 -5.27 10.88
N LYS A 227 0.69 -5.85 12.07
CA LYS A 227 0.48 -7.27 12.28
C LYS A 227 -0.76 -7.43 13.13
N VAL A 228 -1.78 -8.10 12.59
CA VAL A 228 -3.02 -8.37 13.30
C VAL A 228 -3.01 -9.83 13.74
N THR A 229 -3.19 -10.05 15.04
CA THR A 229 -3.29 -11.40 15.60
C THR A 229 -4.67 -11.59 16.22
N PRO A 230 -5.04 -12.79 16.65
CA PRO A 230 -6.29 -12.93 17.43
C PRO A 230 -6.27 -12.14 18.72
N ASP A 231 -5.09 -11.78 19.24
CA ASP A 231 -4.97 -11.16 20.55
C ASP A 231 -4.78 -9.64 20.50
N ASP A 232 -4.21 -9.08 19.44
CA ASP A 232 -3.85 -7.67 19.47
C ASP A 232 -3.62 -7.16 18.05
N VAL A 233 -3.32 -5.86 17.96
CA VAL A 233 -2.92 -5.20 16.72
C VAL A 233 -1.57 -4.55 16.98
N GLU A 234 -0.62 -4.77 16.06
CA GLU A 234 0.77 -4.39 16.28
C GLU A 234 1.25 -3.54 15.11
N LEU A 235 1.74 -2.35 15.41
CA LEU A 235 2.41 -1.49 14.44
C LEU A 235 3.92 -1.65 14.66
N ILE A 236 4.62 -2.15 13.65
CA ILE A 236 5.97 -2.66 13.84
C ILE A 236 6.90 -1.94 12.86
N HIS A 237 8.01 -1.42 13.38
CA HIS A 237 9.02 -0.76 12.55
C HIS A 237 10.32 -1.53 12.67
N PHE A 238 10.99 -1.72 11.54
CA PHE A 238 12.12 -2.64 11.45
C PHE A 238 13.10 -2.16 10.39
N PRO A 239 14.39 -2.48 10.53
CA PRO A 239 15.36 -2.04 9.53
C PRO A 239 15.25 -2.81 8.22
N PHE A 240 15.65 -2.14 7.12
CA PHE A 240 15.61 -2.75 5.80
C PHE A 240 16.49 -3.99 5.74
N LEU A 241 17.77 -3.84 6.06
CA LEU A 241 18.76 -4.90 5.92
C LEU A 241 19.10 -5.53 7.25
N GLU A 242 19.74 -6.70 7.17
CA GLU A 242 20.24 -7.38 8.36
C GLU A 242 21.31 -6.52 9.02
N GLU A 243 21.02 -6.00 10.22
CA GLU A 243 21.95 -5.14 10.94
C GLU A 243 22.86 -6.03 11.77
N ASN A 244 24.02 -6.35 11.21
CA ASN A 244 24.97 -7.23 11.88
C ASN A 244 25.55 -6.53 13.11
N LEU A 245 25.28 -7.10 14.28
CA LEU A 245 25.83 -6.56 15.52
C LEU A 245 27.35 -6.67 15.51
N TYR A 246 28.01 -5.61 15.95
CA TYR A 246 29.44 -5.65 16.19
C TYR A 246 29.74 -4.78 17.39
N PHE A 247 30.93 -4.96 17.96
CA PHE A 247 31.28 -4.31 19.20
C PHE A 247 32.41 -3.30 18.99
N HIS A 250 33.27 1.02 23.72
CA HIS A 250 33.10 1.99 24.80
C HIS A 250 34.00 1.63 26.00
N HIS A 251 33.97 2.46 27.03
CA HIS A 251 34.79 2.25 28.22
C HIS A 251 34.05 2.76 29.46
N HIS A 252 34.41 2.21 30.61
CA HIS A 252 33.81 2.60 31.87
C HIS A 252 34.61 3.71 32.55
#